data_4L5M
#
_entry.id   4L5M
#
_cell.length_a   89.450
_cell.length_b   89.450
_cell.length_c   89.450
_cell.angle_alpha   90.00
_cell.angle_beta   90.00
_cell.angle_gamma   90.00
#
_symmetry.space_group_name_H-M   'P 21 3'
#
loop_
_entity.id
_entity.type
_entity.pdbx_description
1 polymer Cytohesin-2
2 non-polymer 'PHOSPHATE ION'
3 non-polymer N-(4-hydroxy-2,6-dimethylphenyl)benzenesulfonamide
4 water water
#
_entity_poly.entity_id   1
_entity_poly.type   'polypeptide(L)'
_entity_poly.pdbx_seq_one_letter_code
;MGSSHHHHHHSSGLVPRGSHMSKTLQRNRKMAMGRKKFNMDPKKGIQFLVENELLQNTPEEIARFLYKGEGLNKTAIGDY
LGEREELNLAVLHAFVDLHEFTDLNLVQALRQFLWSFRLPGEAQKIDRMMEAFAQRYCLCNPGVFQSTDTCYVLSFAVIM
LNTSLHNPNVRDKPGLERFVAMNRGINEGGDLPEELLRNLYDSIRNEPFKIPEDDGN
;
_entity_poly.pdbx_strand_id   A
#
loop_
_chem_comp.id
_chem_comp.type
_chem_comp.name
_chem_comp.formula
HRC non-polymer N-(4-hydroxy-2,6-dimethylphenyl)benzenesulfonamide 'C14 H15 N O3 S'
PO4 non-polymer 'PHOSPHATE ION' 'O4 P -3'
#
# COMPACT_ATOMS: atom_id res chain seq x y z
N HIS A 20 2.23 30.84 -22.94
CA HIS A 20 3.03 31.66 -21.99
C HIS A 20 2.29 31.87 -20.65
N MET A 21 2.37 33.07 -20.06
CA MET A 21 1.98 33.24 -18.65
C MET A 21 0.51 32.98 -18.35
N SER A 22 -0.40 33.54 -19.15
CA SER A 22 -1.84 33.39 -18.90
C SER A 22 -2.28 31.93 -19.00
N LYS A 23 -1.80 31.25 -20.03
CA LYS A 23 -2.06 29.83 -20.20
C LYS A 23 -1.54 29.04 -19.00
N THR A 24 -0.33 29.36 -18.55
CA THR A 24 0.26 28.67 -17.40
C THR A 24 -0.50 28.90 -16.10
N LEU A 25 -0.90 30.15 -15.85
CA LEU A 25 -1.67 30.47 -14.66
C LEU A 25 -3.02 29.77 -14.65
N GLN A 26 -3.68 29.75 -15.79
CA GLN A 26 -4.98 29.07 -15.90
C GLN A 26 -4.81 27.58 -15.64
N ARG A 27 -3.79 26.98 -16.26
CA ARG A 27 -3.49 25.55 -16.09
C ARG A 27 -3.21 25.21 -14.62
N ASN A 28 -2.43 26.06 -13.94
CA ASN A 28 -2.11 25.83 -12.53
C ASN A 28 -3.38 25.82 -11.68
N ARG A 29 -4.26 26.78 -11.89
CA ARG A 29 -5.51 26.78 -11.13
C ARG A 29 -6.36 25.57 -11.49
N LYS A 30 -6.40 25.20 -12.77
CA LYS A 30 -7.21 24.06 -13.18
C LYS A 30 -6.63 22.76 -12.62
N MET A 31 -5.31 22.68 -12.50
CA MET A 31 -4.68 21.57 -11.79
C MET A 31 -5.18 21.54 -10.34
N ALA A 32 -5.15 22.68 -9.66
CA ALA A 32 -5.64 22.77 -8.28
C ALA A 32 -7.09 22.32 -8.18
N MET A 33 -7.90 22.74 -9.14
CA MET A 33 -9.29 22.32 -9.18
C MET A 33 -9.41 20.83 -9.41
N GLY A 34 -8.57 20.28 -10.30
CA GLY A 34 -8.56 18.85 -10.56
C GLY A 34 -8.31 18.04 -9.30
N ARG A 35 -7.35 18.47 -8.48
CA ARG A 35 -7.07 17.80 -7.22
C ARG A 35 -8.28 17.83 -6.26
N LYS A 36 -8.95 18.98 -6.19
CA LYS A 36 -10.15 19.11 -5.37
C LYS A 36 -11.25 18.19 -5.90
N LYS A 37 -11.39 18.14 -7.22
CA LYS A 37 -12.40 17.26 -7.84
C LYS A 37 -12.09 15.79 -7.53
N PHE A 38 -10.81 15.44 -7.57
CA PHE A 38 -10.37 14.09 -7.29
C PHE A 38 -10.76 13.66 -5.89
N ASN A 39 -10.56 14.56 -4.94
CA ASN A 39 -10.89 14.28 -3.56
C ASN A 39 -12.38 14.09 -3.32
N MET A 40 -13.19 14.76 -4.12
CA MET A 40 -14.64 14.57 -4.10
C MET A 40 -15.05 13.25 -4.75
N ASP A 41 -14.47 12.96 -5.89
CA ASP A 41 -14.69 11.72 -6.61
C ASP A 41 -13.49 11.46 -7.53
N PRO A 42 -12.67 10.45 -7.20
CA PRO A 42 -11.45 10.18 -7.95
C PRO A 42 -11.64 10.10 -9.45
N LYS A 43 -12.62 9.34 -9.93
CA LYS A 43 -12.81 9.20 -11.38
C LYS A 43 -13.08 10.53 -12.05
N LYS A 44 -13.91 11.38 -11.43
CA LYS A 44 -14.23 12.69 -12.00
C LYS A 44 -12.99 13.59 -12.01
N GLY A 45 -12.17 13.48 -10.96
CA GLY A 45 -10.93 14.24 -10.86
C GLY A 45 -9.96 13.89 -11.97
N ILE A 46 -9.71 12.60 -12.15
CA ILE A 46 -8.84 12.14 -13.23
C ILE A 46 -9.41 12.54 -14.60
N GLN A 47 -10.73 12.41 -14.77
CA GLN A 47 -11.36 12.80 -16.04
C GLN A 47 -11.10 14.26 -16.37
N PHE A 48 -11.31 15.13 -15.39
CA PHE A 48 -11.09 16.56 -15.60
C PHE A 48 -9.64 16.83 -15.98
N LEU A 49 -8.70 16.19 -15.27
CA LEU A 49 -7.27 16.40 -15.55
C LEU A 49 -6.92 15.93 -16.96
N VAL A 50 -7.40 14.76 -17.33
CA VAL A 50 -7.13 14.18 -18.64
C VAL A 50 -7.75 15.03 -19.74
N GLU A 51 -9.02 15.37 -19.58
CA GLU A 51 -9.72 16.14 -20.60
C GLU A 51 -9.11 17.55 -20.80
N ASN A 52 -8.47 18.08 -19.78
CA ASN A 52 -7.86 19.41 -19.86
C ASN A 52 -6.35 19.35 -20.11
N GLU A 53 -5.86 18.16 -20.48
CA GLU A 53 -4.45 17.95 -20.84
C GLU A 53 -3.48 18.31 -19.70
N LEU A 54 -3.92 18.03 -18.47
CA LEU A 54 -3.10 18.25 -17.29
C LEU A 54 -2.44 16.97 -16.80
N LEU A 55 -2.95 15.84 -17.29
CA LEU A 55 -2.47 14.51 -16.93
C LEU A 55 -2.66 13.62 -18.14
N GLN A 56 -1.62 12.87 -18.52
CA GLN A 56 -1.74 11.90 -19.62
C GLN A 56 -2.55 10.68 -19.17
N ASN A 57 -3.43 10.19 -20.03
CA ASN A 57 -4.31 9.08 -19.68
C ASN A 57 -3.66 7.70 -19.91
N THR A 58 -2.50 7.49 -19.28
CA THR A 58 -1.83 6.19 -19.32
C THR A 58 -1.80 5.64 -17.89
N PRO A 59 -1.79 4.30 -17.75
CA PRO A 59 -1.68 3.74 -16.41
C PRO A 59 -0.48 4.27 -15.63
N GLU A 60 0.68 4.37 -16.28
CA GLU A 60 1.91 4.80 -15.60
C GLU A 60 1.82 6.26 -15.15
N GLU A 61 1.32 7.15 -16.01
CA GLU A 61 1.22 8.56 -15.64
C GLU A 61 0.20 8.81 -14.52
N ILE A 62 -0.93 8.13 -14.57
CA ILE A 62 -1.91 8.24 -13.49
C ILE A 62 -1.31 7.68 -12.20
N ALA A 63 -0.64 6.52 -12.27
CA ALA A 63 0.03 5.96 -11.09
C ALA A 63 1.05 6.92 -10.49
N ARG A 64 1.85 7.56 -11.34
CA ARG A 64 2.85 8.52 -10.84
C ARG A 64 2.18 9.72 -10.16
N PHE A 65 1.06 10.15 -10.71
CA PHE A 65 0.28 11.23 -10.15
C PHE A 65 -0.21 10.87 -8.74
N LEU A 66 -0.65 9.63 -8.57
CA LEU A 66 -1.18 9.18 -7.27
C LEU A 66 -0.06 8.94 -6.27
N TYR A 67 1.08 8.47 -6.77
CA TYR A 67 2.25 8.18 -5.94
C TYR A 67 2.82 9.46 -5.35
N LYS A 68 2.89 10.51 -6.17
CA LYS A 68 3.29 11.84 -5.68
C LYS A 68 2.28 12.34 -4.64
N GLY A 69 1.01 12.17 -4.97
CA GLY A 69 -0.08 12.41 -4.04
C GLY A 69 -0.23 13.85 -3.58
N GLU A 70 0.21 14.81 -4.39
CA GLU A 70 0.19 16.21 -3.99
C GLU A 70 -1.25 16.72 -3.85
N GLY A 71 -1.60 17.11 -2.63
CA GLY A 71 -2.93 17.61 -2.33
C GLY A 71 -4.04 16.60 -2.49
N LEU A 72 -3.71 15.31 -2.52
CA LEU A 72 -4.70 14.24 -2.69
C LEU A 72 -4.96 13.54 -1.37
N ASN A 73 -6.24 13.29 -1.07
CA ASN A 73 -6.61 12.54 0.12
C ASN A 73 -6.24 11.07 -0.07
N LYS A 74 -5.57 10.49 0.93
CA LYS A 74 -5.12 9.10 0.81
C LYS A 74 -6.27 8.10 0.74
N THR A 75 -7.43 8.47 1.28
CA THR A 75 -8.62 7.65 1.13
C THR A 75 -9.10 7.68 -0.31
N ALA A 76 -9.08 8.86 -0.93
CA ALA A 76 -9.43 8.99 -2.34
C ALA A 76 -8.45 8.23 -3.25
N ILE A 77 -7.17 8.25 -2.91
CA ILE A 77 -6.18 7.45 -3.66
C ILE A 77 -6.51 5.96 -3.57
N GLY A 78 -6.79 5.49 -2.36
CA GLY A 78 -7.15 4.09 -2.15
C GLY A 78 -8.44 3.72 -2.87
N ASP A 79 -9.42 4.61 -2.82
CA ASP A 79 -10.69 4.46 -3.54
C ASP A 79 -10.44 4.16 -5.04
N TYR A 80 -9.64 5.01 -5.68
CA TYR A 80 -9.33 4.88 -7.10
C TYR A 80 -8.56 3.59 -7.40
N LEU A 81 -7.60 3.28 -6.55
CA LEU A 81 -6.76 2.11 -6.75
C LEU A 81 -7.55 0.83 -6.55
N GLY A 82 -8.65 0.92 -5.79
CA GLY A 82 -9.52 -0.21 -5.51
C GLY A 82 -10.65 -0.51 -6.46
N GLU A 83 -10.77 0.28 -7.53
CA GLU A 83 -11.81 0.07 -8.54
C GLU A 83 -11.51 -1.15 -9.42
N ARG A 84 -12.56 -1.84 -9.83
CA ARG A 84 -12.45 -3.12 -10.52
C ARG A 84 -12.12 -2.97 -12.00
N GLU A 85 -12.43 -1.85 -12.61
CA GLU A 85 -12.28 -1.80 -14.06
C GLU A 85 -10.83 -1.85 -14.52
N GLU A 86 -10.66 -2.21 -15.79
CA GLU A 86 -9.36 -2.46 -16.37
C GLU A 86 -8.29 -1.39 -16.09
N LEU A 87 -8.61 -0.11 -16.36
CA LEU A 87 -7.62 0.94 -16.22
C LEU A 87 -7.17 1.07 -14.77
N ASN A 88 -8.11 1.03 -13.85
CA ASN A 88 -7.78 1.13 -12.43
C ASN A 88 -6.89 -0.02 -11.96
N LEU A 89 -7.19 -1.24 -12.42
CA LEU A 89 -6.31 -2.39 -12.17
C LEU A 89 -4.90 -2.11 -12.69
N ALA A 90 -4.81 -1.54 -13.89
CA ALA A 90 -3.53 -1.26 -14.51
C ALA A 90 -2.75 -0.16 -13.76
N VAL A 91 -3.49 0.85 -13.29
CA VAL A 91 -2.90 1.90 -12.45
C VAL A 91 -2.41 1.30 -11.12
N LEU A 92 -3.23 0.46 -10.50
CA LEU A 92 -2.80 -0.25 -9.29
C LEU A 92 -1.48 -1.00 -9.52
N HIS A 93 -1.40 -1.75 -10.61
CA HIS A 93 -0.16 -2.47 -10.92
C HIS A 93 1.03 -1.51 -11.07
N ALA A 94 0.85 -0.46 -11.85
CA ALA A 94 1.92 0.50 -12.07
C ALA A 94 2.31 1.27 -10.79
N PHE A 95 1.32 1.54 -9.94
CA PHE A 95 1.53 2.23 -8.65
C PHE A 95 2.42 1.39 -7.72
N VAL A 96 2.10 0.12 -7.62
CA VAL A 96 2.90 -0.81 -6.83
C VAL A 96 4.32 -0.91 -7.42
N ASP A 97 4.42 -0.89 -8.74
CA ASP A 97 5.73 -0.92 -9.41
C ASP A 97 6.62 0.26 -9.08
N LEU A 98 6.02 1.39 -8.72
CA LEU A 98 6.80 2.58 -8.32
C LEU A 98 7.43 2.43 -6.96
N HIS A 99 6.92 1.49 -6.17
CA HIS A 99 7.51 1.19 -4.87
C HIS A 99 8.79 0.37 -5.03
N GLU A 100 9.86 0.83 -4.40
CA GLU A 100 11.17 0.17 -4.46
C GLU A 100 11.41 -0.59 -3.15
N PHE A 101 11.24 -1.91 -3.17
CA PHE A 101 11.38 -2.71 -1.95
C PHE A 101 12.69 -3.50 -1.85
N THR A 102 13.57 -3.38 -2.85
CA THR A 102 14.81 -4.17 -2.84
C THR A 102 15.66 -3.87 -1.59
N ASP A 103 16.09 -4.93 -0.90
CA ASP A 103 16.90 -4.85 0.32
C ASP A 103 16.16 -4.29 1.55
N LEU A 104 14.84 -4.19 1.46
CA LEU A 104 14.03 -3.85 2.62
C LEU A 104 13.47 -5.13 3.18
N ASN A 105 13.32 -5.20 4.50
CA ASN A 105 12.60 -6.30 5.11
C ASN A 105 11.09 -6.08 4.97
N LEU A 106 10.31 -7.10 5.26
CA LEU A 106 8.87 -7.05 4.97
C LEU A 106 8.19 -5.89 5.69
N VAL A 107 8.60 -5.63 6.93
CA VAL A 107 8.02 -4.53 7.69
C VAL A 107 8.42 -3.19 7.07
N GLN A 108 9.70 -3.02 6.73
CA GLN A 108 10.11 -1.76 6.10
C GLN A 108 9.30 -1.46 4.85
N ALA A 109 9.07 -2.49 4.04
CA ALA A 109 8.30 -2.38 2.81
C ALA A 109 6.83 -2.03 3.08
N LEU A 110 6.21 -2.73 4.03
CA LEU A 110 4.84 -2.43 4.44
C LEU A 110 4.66 -1.00 4.93
N ARG A 111 5.62 -0.50 5.70
CA ARG A 111 5.51 0.87 6.22
C ARG A 111 5.34 1.84 5.08
N GLN A 112 6.15 1.67 4.04
CA GLN A 112 6.11 2.55 2.88
C GLN A 112 4.80 2.38 2.14
N PHE A 113 4.42 1.13 1.89
CA PHE A 113 3.21 0.85 1.10
C PHE A 113 1.97 1.34 1.81
N LEU A 114 1.85 0.99 3.09
CA LEU A 114 0.66 1.34 3.85
C LEU A 114 0.52 2.85 4.12
N TRP A 115 1.62 3.59 4.02
CA TRP A 115 1.58 5.05 4.16
C TRP A 115 1.08 5.76 2.89
N SER A 116 1.19 5.09 1.74
CA SER A 116 0.92 5.74 0.45
C SER A 116 -0.58 5.85 0.05
N PHE A 117 -1.47 5.17 0.77
CA PHE A 117 -2.91 5.20 0.54
C PHE A 117 -3.64 4.62 1.77
N ARG A 118 -4.97 4.77 1.84
CA ARG A 118 -5.80 4.14 2.90
C ARG A 118 -7.01 3.43 2.26
N LEU A 119 -7.55 2.34 2.85
CA LEU A 119 -8.79 1.69 2.31
C LEU A 119 -9.52 0.65 3.21
N PRO A 120 -9.97 1.06 4.41
CA PRO A 120 -10.50 0.06 5.35
C PRO A 120 -11.76 -0.72 4.88
N GLY A 121 -11.94 -1.90 5.47
CA GLY A 121 -13.14 -2.74 5.34
C GLY A 121 -13.74 -2.96 3.93
N GLU A 122 -12.88 -2.96 2.92
CA GLU A 122 -13.26 -3.36 1.56
C GLU A 122 -12.48 -4.64 1.18
N ALA A 123 -12.91 -5.80 1.67
CA ALA A 123 -12.07 -7.03 1.62
C ALA A 123 -11.51 -7.39 0.23
N GLN A 124 -12.36 -7.44 -0.79
CA GLN A 124 -11.92 -7.78 -2.16
C GLN A 124 -10.89 -6.79 -2.71
N LYS A 125 -11.09 -5.51 -2.40
CA LYS A 125 -10.17 -4.47 -2.85
C LYS A 125 -8.81 -4.58 -2.14
N ILE A 126 -8.84 -4.80 -0.84
CA ILE A 126 -7.60 -4.92 -0.06
C ILE A 126 -6.82 -6.16 -0.49
N ASP A 127 -7.55 -7.23 -0.77
CA ASP A 127 -6.96 -8.47 -1.26
C ASP A 127 -6.15 -8.22 -2.52
N ARG A 128 -6.72 -7.46 -3.46
CA ARG A 128 -6.03 -7.16 -4.72
C ARG A 128 -4.78 -6.35 -4.44
N MET A 129 -4.92 -5.36 -3.57
CA MET A 129 -3.81 -4.47 -3.25
C MET A 129 -2.67 -5.19 -2.54
N MET A 130 -3.01 -6.06 -1.60
CA MET A 130 -2.00 -6.78 -0.84
C MET A 130 -1.36 -7.92 -1.64
N GLU A 131 -2.11 -8.52 -2.55
CA GLU A 131 -1.53 -9.49 -3.47
C GLU A 131 -0.50 -8.78 -4.36
N ALA A 132 -0.87 -7.61 -4.88
CA ALA A 132 0.07 -6.84 -5.72
C ALA A 132 1.32 -6.48 -4.92
N PHE A 133 1.13 -6.00 -3.68
CA PHE A 133 2.24 -5.74 -2.77
C PHE A 133 3.12 -6.98 -2.59
N ALA A 134 2.51 -8.13 -2.34
CA ALA A 134 3.25 -9.36 -2.09
C ALA A 134 4.08 -9.74 -3.32
N GLN A 135 3.46 -9.67 -4.49
CA GLN A 135 4.18 -9.98 -5.73
C GLN A 135 5.39 -9.08 -5.90
N ARG A 136 5.21 -7.78 -5.65
CA ARG A 136 6.28 -6.79 -5.81
C ARG A 136 7.41 -7.02 -4.79
N TYR A 137 7.05 -7.25 -3.55
CA TYR A 137 8.03 -7.50 -2.50
C TYR A 137 8.92 -8.69 -2.87
N CYS A 138 8.29 -9.79 -3.27
CA CYS A 138 9.01 -11.01 -3.64
C CYS A 138 9.86 -10.86 -4.89
N LEU A 139 9.36 -10.13 -5.89
CA LEU A 139 10.14 -9.84 -7.08
C LEU A 139 11.37 -9.02 -6.70
N CYS A 140 11.19 -8.06 -5.80
CA CYS A 140 12.29 -7.20 -5.36
C CYS A 140 13.32 -7.92 -4.50
N ASN A 141 12.89 -8.96 -3.81
CA ASN A 141 13.70 -9.70 -2.84
C ASN A 141 13.53 -11.19 -3.02
N PRO A 142 13.97 -11.73 -4.18
CA PRO A 142 13.66 -13.13 -4.54
C PRO A 142 14.18 -14.20 -3.58
N GLY A 143 15.16 -13.86 -2.75
CA GLY A 143 15.71 -14.81 -1.78
C GLY A 143 14.91 -15.00 -0.50
N VAL A 144 13.97 -14.11 -0.21
CA VAL A 144 13.35 -14.07 1.11
C VAL A 144 12.20 -15.07 1.22
N PHE A 145 11.21 -14.93 0.34
CA PHE A 145 10.10 -15.88 0.28
C PHE A 145 10.08 -16.58 -1.08
N GLN A 146 10.18 -17.89 -1.06
CA GLN A 146 10.07 -18.67 -2.30
C GLN A 146 8.63 -18.71 -2.80
N SER A 147 7.68 -18.52 -1.89
CA SER A 147 6.26 -18.52 -2.21
C SER A 147 5.67 -17.16 -1.89
N THR A 148 4.94 -16.59 -2.85
CA THR A 148 4.28 -15.32 -2.63
C THR A 148 3.11 -15.46 -1.64
N ASP A 149 2.48 -16.62 -1.58
CA ASP A 149 1.46 -16.87 -0.54
C ASP A 149 2.06 -16.66 0.86
N THR A 150 3.28 -17.13 1.07
CA THR A 150 3.95 -16.95 2.36
C THR A 150 4.03 -15.45 2.68
N CYS A 151 4.47 -14.67 1.70
CA CYS A 151 4.57 -13.24 1.86
C CYS A 151 3.22 -12.58 2.18
N TYR A 152 2.18 -12.94 1.43
CA TYR A 152 0.84 -12.42 1.64
C TYR A 152 0.35 -12.73 3.06
N VAL A 153 0.41 -14.00 3.45
CA VAL A 153 -0.04 -14.40 4.80
C VAL A 153 0.75 -13.70 5.89
N LEU A 154 2.07 -13.62 5.74
CA LEU A 154 2.92 -12.99 6.74
C LEU A 154 2.68 -11.47 6.80
N SER A 155 2.40 -10.85 5.66
CA SER A 155 2.05 -9.44 5.63
C SER A 155 0.85 -9.11 6.53
N PHE A 156 -0.20 -9.92 6.41
CA PHE A 156 -1.36 -9.73 7.27
C PHE A 156 -1.07 -10.09 8.72
N ALA A 157 -0.18 -11.05 8.94
CA ALA A 157 0.24 -11.37 10.31
C ALA A 157 0.91 -10.18 10.98
N VAL A 158 1.71 -9.45 10.21
CA VAL A 158 2.39 -8.26 10.73
C VAL A 158 1.37 -7.14 11.01
N ILE A 159 0.39 -6.99 10.12
CA ILE A 159 -0.65 -5.98 10.32
C ILE A 159 -1.46 -6.31 11.55
N MET A 160 -1.79 -7.59 11.72
CA MET A 160 -2.56 -8.03 12.88
C MET A 160 -1.73 -7.86 14.16
N LEU A 161 -0.44 -8.16 14.08
CA LEU A 161 0.46 -8.00 15.22
C LEU A 161 0.53 -6.55 15.65
N ASN A 162 0.62 -5.65 14.69
CA ASN A 162 0.63 -4.22 14.98
C ASN A 162 -0.59 -3.80 15.81
N THR A 163 -1.78 -4.23 15.38
CA THR A 163 -3.01 -3.96 16.10
C THR A 163 -3.01 -4.61 17.50
N SER A 164 -2.63 -5.88 17.58
CA SER A 164 -2.58 -6.60 18.85
C SER A 164 -1.66 -5.95 19.88
N LEU A 165 -0.47 -5.53 19.44
CA LEU A 165 0.53 -4.96 20.35
C LEU A 165 0.21 -3.52 20.76
N HIS A 166 -0.43 -2.76 19.87
CA HIS A 166 -0.58 -1.31 20.05
C HIS A 166 -1.99 -0.76 20.17
N ASN A 167 -2.99 -1.60 19.96
CA ASN A 167 -4.36 -1.23 20.28
C ASN A 167 -4.70 -1.71 21.70
N PRO A 168 -4.85 -0.77 22.66
CA PRO A 168 -5.13 -1.17 24.04
C PRO A 168 -6.47 -1.88 24.21
N ASN A 169 -7.35 -1.76 23.23
CA ASN A 169 -8.59 -2.51 23.22
C ASN A 169 -8.31 -4.01 23.16
N VAL A 170 -7.20 -4.38 22.55
CA VAL A 170 -6.81 -5.78 22.42
C VAL A 170 -6.09 -6.26 23.70
N ARG A 171 -6.75 -7.21 24.37
CA ARG A 171 -6.28 -7.85 25.60
C ARG A 171 -4.83 -8.36 25.56
N ASP A 172 -4.66 -9.49 24.87
CA ASP A 172 -3.37 -9.99 24.36
C ASP A 172 -2.03 -9.45 24.85
N LYS A 173 -1.41 -8.69 23.94
CA LYS A 173 0.03 -8.58 23.77
C LYS A 173 0.65 -9.96 23.56
N PRO A 174 0.49 -10.51 22.33
CA PRO A 174 1.16 -11.78 22.03
C PRO A 174 2.66 -11.60 22.05
N GLY A 175 3.35 -12.52 22.73
CA GLY A 175 4.81 -12.49 22.80
C GLY A 175 5.42 -13.01 21.52
N LEU A 176 6.73 -12.88 21.41
CA LEU A 176 7.44 -13.37 20.24
C LEU A 176 7.11 -14.86 19.98
N GLU A 177 7.10 -15.65 21.04
CA GLU A 177 6.93 -17.10 20.91
C GLU A 177 5.56 -17.46 20.32
N ARG A 178 4.54 -16.69 20.68
CA ARG A 178 3.20 -16.90 20.11
C ARG A 178 3.16 -16.49 18.64
N PHE A 179 3.77 -15.36 18.31
CA PHE A 179 3.83 -14.89 16.93
C PHE A 179 4.52 -15.95 16.05
N VAL A 180 5.62 -16.51 16.55
CA VAL A 180 6.32 -17.59 15.88
C VAL A 180 5.41 -18.81 15.67
N ALA A 181 4.71 -19.24 16.71
CA ALA A 181 3.80 -20.39 16.64
C ALA A 181 2.64 -20.19 15.65
N MET A 182 2.09 -18.97 15.61
CA MET A 182 0.97 -18.65 14.72
C MET A 182 1.33 -18.72 13.23
N ASN A 183 2.62 -18.70 12.92
CA ASN A 183 3.07 -18.71 11.54
C ASN A 183 3.74 -20.00 11.10
N ARG A 184 3.64 -21.05 11.91
CA ARG A 184 4.21 -22.36 11.56
C ARG A 184 3.64 -22.88 10.25
N GLY A 185 4.50 -23.47 9.42
CA GLY A 185 4.08 -24.27 8.29
C GLY A 185 3.75 -23.53 7.02
N ILE A 186 3.88 -22.20 7.03
CA ILE A 186 3.52 -21.38 5.86
C ILE A 186 4.67 -21.16 4.88
N ASN A 187 5.88 -21.66 5.20
CA ASN A 187 7.03 -21.54 4.32
C ASN A 187 7.18 -22.79 3.45
N GLU A 188 6.31 -22.90 2.44
CA GLU A 188 6.21 -24.10 1.63
C GLU A 188 6.11 -25.38 2.46
N GLY A 189 5.36 -25.30 3.55
CA GLY A 189 5.17 -26.45 4.43
C GLY A 189 6.17 -26.48 5.56
N GLY A 190 7.25 -25.72 5.43
CA GLY A 190 8.23 -25.53 6.49
C GLY A 190 7.93 -24.26 7.26
N ASP A 191 8.90 -23.81 8.04
CA ASP A 191 8.75 -22.62 8.86
C ASP A 191 9.67 -21.54 8.33
N LEU A 192 9.32 -20.29 8.61
CA LEU A 192 10.21 -19.17 8.32
C LEU A 192 11.38 -19.23 9.30
N PRO A 193 12.55 -18.71 8.90
CA PRO A 193 13.63 -18.63 9.89
C PRO A 193 13.17 -17.83 11.11
N GLU A 194 13.47 -18.33 12.30
CA GLU A 194 13.02 -17.67 13.52
C GLU A 194 13.61 -16.25 13.64
N GLU A 195 14.80 -16.06 13.08
CA GLU A 195 15.43 -14.74 13.10
C GLU A 195 14.64 -13.73 12.24
N LEU A 196 14.11 -14.18 11.09
CA LEU A 196 13.25 -13.31 10.29
C LEU A 196 12.04 -12.86 11.11
N LEU A 197 11.34 -13.82 11.71
CA LEU A 197 10.16 -13.52 12.50
C LEU A 197 10.47 -12.60 13.68
N ARG A 198 11.57 -12.87 14.38
CA ARG A 198 12.00 -12.02 15.49
C ARG A 198 12.24 -10.59 15.02
N ASN A 199 12.91 -10.43 13.89
CA ASN A 199 13.20 -9.09 13.33
CA ASN A 199 13.19 -9.09 13.34
C ASN A 199 11.92 -8.32 13.04
N LEU A 200 10.94 -8.98 12.41
CA LEU A 200 9.65 -8.35 12.12
C LEU A 200 8.90 -7.99 13.39
N TYR A 201 8.83 -8.94 14.32
CA TYR A 201 8.16 -8.73 15.60
C TYR A 201 8.75 -7.55 16.35
N ASP A 202 10.07 -7.54 16.48
CA ASP A 202 10.77 -6.46 17.18
C ASP A 202 10.56 -5.12 16.49
N SER A 203 10.57 -5.09 15.16
CA SER A 203 10.37 -3.83 14.43
C SER A 203 9.00 -3.25 14.71
N ILE A 204 7.97 -4.09 14.71
CA ILE A 204 6.61 -3.62 15.02
C ILE A 204 6.49 -3.24 16.51
N ARG A 205 7.03 -4.07 17.39
CA ARG A 205 7.05 -3.78 18.82
C ARG A 205 7.58 -2.37 19.11
N ASN A 206 8.70 -2.04 18.46
CA ASN A 206 9.44 -0.82 18.77
C ASN A 206 8.93 0.41 18.02
N GLU A 207 8.24 0.20 16.91
CA GLU A 207 7.63 1.29 16.15
C GLU A 207 6.33 0.83 15.47
N PRO A 208 5.18 1.26 16.02
CA PRO A 208 3.90 0.97 15.37
C PRO A 208 3.86 1.47 13.92
N PHE A 209 3.05 0.84 13.08
CA PHE A 209 2.79 1.36 11.74
C PHE A 209 2.23 2.76 11.85
N LYS A 210 2.78 3.66 11.04
CA LYS A 210 2.16 4.95 10.81
C LYS A 210 1.09 4.68 9.76
N ILE A 211 -0.15 4.91 10.15
CA ILE A 211 -1.30 4.64 9.28
C ILE A 211 -1.94 5.97 8.94
N PRO A 212 -2.21 6.22 7.64
CA PRO A 212 -2.87 7.48 7.28
C PRO A 212 -4.21 7.61 7.98
N GLU A 213 -4.49 8.78 8.55
CA GLU A 213 -5.79 9.01 9.18
C GLU A 213 -6.85 9.13 8.10
N ASP A 214 -8.10 8.84 8.49
CA ASP A 214 -9.23 9.02 7.58
C ASP A 214 -9.23 10.45 7.06
N ASP A 215 -8.92 10.61 5.77
CA ASP A 215 -8.98 11.91 5.09
C ASP A 215 -10.41 12.17 4.64
P PO4 B . -14.90 -5.11 -5.82
O1 PO4 B . -14.09 -3.90 -6.20
O2 PO4 B . -16.17 -5.14 -6.65
O3 PO4 B . -15.24 -5.03 -4.35
O4 PO4 B . -14.10 -6.37 -6.10
O1 HRC C . -6.35 0.51 4.32
S HRC C . -6.09 -0.20 5.55
O2 HRC C . -7.35 -0.36 6.24
C9 HRC C . -5.44 -1.61 5.17
C14 HRC C . -5.72 -2.76 5.91
C13 HRC C . -5.13 -3.99 5.58
C12 HRC C . -4.23 -4.07 4.52
C11 HRC C . -3.93 -2.92 3.78
C10 HRC C . -4.52 -1.71 4.11
N HRC C . -4.97 0.59 6.39
C1 HRC C . -4.91 0.38 7.74
C6 HRC C . -5.92 0.78 8.63
C7 HRC C . -7.02 1.73 8.25
C2 HRC C . -3.96 -0.53 8.21
C8 HRC C . -2.86 -1.04 7.32
C3 HRC C . -3.97 -0.98 9.54
C4 HRC C . -4.95 -0.55 10.41
O3 HRC C . -4.96 -0.98 11.71
C5 HRC C . -5.93 0.33 9.96
#